data_6TIG
#
_entry.id   6TIG
#
_cell.length_a   74.368
_cell.length_b   42.882
_cell.length_c   102.648
_cell.angle_alpha   90.000
_cell.angle_beta   96.007
_cell.angle_gamma   90.000
#
_symmetry.space_group_name_H-M   'C 1 2 1'
#
loop_
_entity.id
_entity.type
_entity.pdbx_description
1 polymer Lectin
2 branched alpha-L-fucopyranose-(1-2)-beta-D-galactopyranose-(1-3)-2-acetamido-2-deoxy-beta-D-galactopyranose-(1-3)-alpha-D-galactopyranose
3 branched alpha-L-fucopyranose-(1-2)-beta-D-galactopyranose-(1-3)-2-acetamido-2-deoxy-beta-D-galactopyranose-(1-3)-alpha-D-galactopyranose-(1-4)-beta-D-galactopyranose
4 water water
#
_entity_poly.entity_id   1
_entity_poly.type   'polypeptide(L)'
_entity_poly.pdbx_seq_one_letter_code
;GHMPLLSASIVSAPVVTSETYVDIPGLYLDVAKAGIRDGKLQVILNVPTPYATGNNFPGIYFAIATNQGVVADGCFTYSS
KVPESTGRMPFTLVATIDVGSGVTFVKGQWKSVRGSAMHIDSYASLSAIWGTAA
;
_entity_poly.pdbx_strand_id   AAA,BBB,CCC
#
loop_
_chem_comp.id
_chem_comp.type
_chem_comp.name
_chem_comp.formula
FUC L-saccharide, alpha linking alpha-L-fucopyranose 'C6 H12 O5'
GAL D-saccharide, beta linking beta-D-galactopyranose 'C6 H12 O6'
GLA D-saccharide, alpha linking alpha-D-galactopyranose 'C6 H12 O6'
NGA D-saccharide, beta linking 2-acetamido-2-deoxy-beta-D-galactopyranose 'C8 H15 N O6'
#
# COMPACT_ATOMS: atom_id res chain seq x y z
N GLY A 1 16.43 11.40 17.60
CA GLY A 1 15.79 12.59 16.91
C GLY A 1 14.38 12.87 17.41
N HIS A 2 13.79 13.97 16.97
CA HIS A 2 12.52 14.54 17.48
C HIS A 2 11.31 14.04 16.65
N MET A 3 11.54 13.34 15.54
CA MET A 3 10.49 12.85 14.58
C MET A 3 10.86 11.47 14.06
N PRO A 4 10.92 10.47 14.97
CA PRO A 4 11.38 9.14 14.63
C PRO A 4 10.55 8.46 13.52
N LEU A 5 11.27 7.81 12.61
CA LEU A 5 10.76 6.81 11.61
C LEU A 5 11.42 5.50 11.93
N LEU A 6 10.63 4.46 12.17
CA LEU A 6 11.13 3.11 12.45
C LEU A 6 10.99 2.27 11.18
N SER A 7 11.89 1.33 10.95
CA SER A 7 11.91 0.50 9.72
C SER A 7 12.58 -0.83 10.02
N ALA A 8 12.04 -1.91 9.48
CA ALA A 8 12.72 -3.22 9.47
C ALA A 8 12.37 -3.83 8.12
N SER A 9 13.31 -4.56 7.54
CA SER A 9 13.07 -5.18 6.22
C SER A 9 13.74 -6.53 6.16
N ILE A 10 13.20 -7.44 5.34
CA ILE A 10 13.72 -8.83 5.14
C ILE A 10 13.80 -9.10 3.65
N VAL A 11 14.46 -10.19 3.25
CA VAL A 11 14.43 -10.58 1.81
C VAL A 11 13.88 -12.00 1.68
N SER A 12 13.63 -12.70 2.78
CA SER A 12 13.16 -14.12 2.71
C SER A 12 12.67 -14.53 4.10
N ALA A 13 11.92 -15.61 4.14
CA ALA A 13 11.56 -16.31 5.40
C ALA A 13 11.44 -17.76 5.07
N PRO A 14 11.80 -18.64 6.05
CA PRO A 14 11.56 -20.07 5.88
C PRO A 14 10.08 -20.20 5.48
N VAL A 15 9.81 -21.06 4.56
CA VAL A 15 8.43 -21.34 4.08
C VAL A 15 7.75 -22.19 5.16
N VAL A 16 6.57 -21.81 5.62
CA VAL A 16 5.83 -22.57 6.64
C VAL A 16 4.37 -22.56 6.30
N THR A 17 3.63 -23.47 6.93
N THR A 17 3.64 -23.46 6.92
CA THR A 17 2.17 -23.44 6.94
CA THR A 17 2.17 -23.50 6.93
C THR A 17 1.76 -23.25 8.41
C THR A 17 1.75 -23.28 8.39
N SER A 18 0.71 -22.50 8.64
CA SER A 18 0.25 -22.28 10.02
C SER A 18 -1.24 -21.96 10.02
N GLU A 19 -2.00 -22.60 10.89
CA GLU A 19 -3.46 -22.32 11.09
C GLU A 19 -3.70 -20.98 11.79
N THR A 20 -2.74 -20.50 12.58
CA THR A 20 -2.85 -19.29 13.45
C THR A 20 -1.69 -18.34 13.19
N TYR A 21 -1.87 -17.07 13.56
CA TYR A 21 -0.81 -16.08 13.26
C TYR A 21 0.51 -16.53 13.88
N VAL A 22 1.57 -16.55 13.07
CA VAL A 22 2.96 -16.65 13.57
C VAL A 22 3.78 -15.47 13.08
N ASP A 23 4.81 -15.11 13.82
CA ASP A 23 5.64 -13.95 13.42
C ASP A 23 6.26 -14.20 12.04
N ILE A 24 6.36 -13.13 11.24
CA ILE A 24 7.25 -13.10 10.03
C ILE A 24 8.62 -12.72 10.55
N PRO A 25 9.59 -13.64 10.61
CA PRO A 25 10.83 -13.31 11.28
C PRO A 25 11.52 -12.09 10.65
N GLY A 26 11.99 -11.14 11.49
CA GLY A 26 12.74 -9.96 11.00
C GLY A 26 11.85 -8.73 10.85
N LEU A 27 10.53 -8.90 10.75
CA LEU A 27 9.58 -7.77 10.68
C LEU A 27 9.11 -7.46 12.11
N TYR A 28 9.88 -6.63 12.79
CA TYR A 28 9.81 -6.38 14.23
C TYR A 28 10.43 -5.02 14.48
N LEU A 29 9.70 -4.19 15.18
CA LEU A 29 10.15 -2.82 15.57
C LEU A 29 10.17 -2.75 17.09
N ASP A 30 11.33 -2.43 17.64
CA ASP A 30 11.46 -2.31 19.12
C ASP A 30 11.13 -0.86 19.46
N VAL A 31 9.87 -0.64 19.82
CA VAL A 31 9.30 0.72 20.07
C VAL A 31 9.82 1.26 21.41
N ALA A 32 9.87 0.42 22.44
CA ALA A 32 10.32 0.82 23.79
C ALA A 32 11.75 1.35 23.64
N LYS A 33 12.65 0.56 23.05
CA LYS A 33 14.03 0.97 22.68
C LYS A 33 14.04 2.37 22.04
N ALA A 34 13.12 2.69 21.14
CA ALA A 34 13.00 4.05 20.52
C ALA A 34 12.57 5.12 21.53
N GLY A 35 12.03 4.74 22.69
CA GLY A 35 11.57 5.73 23.69
C GLY A 35 10.26 6.33 23.24
N ILE A 36 9.51 5.57 22.45
CA ILE A 36 8.13 5.99 22.12
C ILE A 36 7.26 5.46 23.27
N ARG A 37 6.55 6.35 23.97
CA ARG A 37 5.73 5.97 25.16
C ARG A 37 4.34 6.57 25.10
N ASP A 38 4.15 7.61 24.28
CA ASP A 38 2.87 8.33 24.15
C ASP A 38 2.74 8.66 22.67
N GLY A 39 1.54 9.09 22.29
CA GLY A 39 1.20 9.49 20.91
C GLY A 39 0.66 8.30 20.14
N LYS A 40 0.85 8.36 18.82
CA LYS A 40 0.32 7.37 17.84
C LYS A 40 1.49 6.90 16.93
N LEU A 41 1.35 5.70 16.39
CA LEU A 41 2.28 5.17 15.36
C LEU A 41 1.39 4.81 14.20
N GLN A 42 1.69 5.31 12.99
CA GLN A 42 1.12 4.73 11.75
C GLN A 42 2.09 3.66 11.30
N VAL A 43 1.64 2.43 11.21
CA VAL A 43 2.46 1.24 10.93
C VAL A 43 2.02 0.73 9.54
N ILE A 44 2.97 0.53 8.65
CA ILE A 44 2.69 -0.13 7.35
C ILE A 44 3.38 -1.48 7.35
N LEU A 45 2.63 -2.53 7.03
CA LEU A 45 3.23 -3.84 6.70
C LEU A 45 3.19 -3.99 5.18
N ASN A 46 4.34 -4.07 4.54
CA ASN A 46 4.44 -4.09 3.06
C ASN A 46 5.07 -5.38 2.62
N VAL A 47 4.27 -6.23 1.98
CA VAL A 47 4.77 -7.53 1.48
C VAL A 47 4.47 -7.52 0.00
N PRO A 48 5.33 -6.92 -0.83
CA PRO A 48 4.94 -6.61 -2.20
C PRO A 48 5.00 -7.80 -3.14
N THR A 49 5.70 -8.87 -2.81
CA THR A 49 5.85 -9.97 -3.82
C THR A 49 5.62 -11.35 -3.21
N PRO A 50 4.53 -11.61 -2.45
CA PRO A 50 4.39 -12.89 -1.76
C PRO A 50 3.77 -13.87 -2.78
N TYR A 51 3.86 -15.14 -2.53
CA TYR A 51 2.91 -16.11 -3.14
C TYR A 51 2.57 -17.20 -2.14
N ALA A 52 1.52 -17.95 -2.48
CA ALA A 52 1.01 -19.04 -1.64
C ALA A 52 0.91 -20.28 -2.52
N THR A 53 1.27 -21.44 -2.00
CA THR A 53 1.06 -22.73 -2.71
C THR A 53 0.02 -23.55 -1.96
N GLY A 54 -0.77 -24.31 -2.69
CA GLY A 54 -1.82 -25.14 -2.10
C GLY A 54 -2.76 -25.63 -3.18
N ASN A 55 -3.81 -26.26 -2.77
CA ASN A 55 -4.71 -27.00 -3.67
C ASN A 55 -6.16 -26.58 -3.43
N ASN A 56 -6.42 -25.50 -2.66
CA ASN A 56 -7.81 -25.12 -2.33
C ASN A 56 -7.93 -23.59 -2.21
N PHE A 57 -7.81 -22.86 -3.33
CA PHE A 57 -7.94 -21.39 -3.40
C PHE A 57 -6.90 -20.78 -2.47
N PRO A 58 -5.59 -20.86 -2.80
CA PRO A 58 -4.55 -20.52 -1.83
C PRO A 58 -4.51 -19.01 -1.54
N GLY A 59 -3.90 -18.70 -0.42
CA GLY A 59 -3.67 -17.30 -0.06
C GLY A 59 -2.99 -17.19 1.27
N ILE A 60 -2.79 -15.95 1.69
CA ILE A 60 -2.06 -15.68 2.94
C ILE A 60 -2.80 -14.58 3.68
N TYR A 61 -3.00 -14.78 4.96
CA TYR A 61 -3.40 -13.68 5.87
C TYR A 61 -2.16 -13.03 6.49
N PHE A 62 -2.21 -11.73 6.65
CA PHE A 62 -1.14 -10.95 7.26
C PHE A 62 -1.74 -10.08 8.34
N ALA A 63 -0.96 -9.77 9.36
CA ALA A 63 -1.45 -8.98 10.48
C ALA A 63 -0.33 -8.07 10.95
N ILE A 64 -0.74 -6.94 11.49
CA ILE A 64 0.12 -6.09 12.37
C ILE A 64 -0.25 -6.46 13.81
N ALA A 65 0.73 -6.82 14.63
CA ALA A 65 0.48 -7.16 16.05
C ALA A 65 1.40 -6.27 16.90
N THR A 66 0.92 -5.90 18.08
CA THR A 66 1.77 -5.32 19.16
C THR A 66 1.89 -6.35 20.29
N ASN A 67 2.42 -5.97 21.43
CA ASN A 67 2.44 -6.91 22.58
C ASN A 67 1.01 -7.19 23.00
N GLN A 68 0.05 -6.36 22.56
CA GLN A 68 -1.38 -6.53 22.93
C GLN A 68 -2.13 -7.43 21.92
N GLY A 69 -1.45 -7.93 20.89
CA GLY A 69 -1.95 -8.89 19.90
C GLY A 69 -2.24 -8.14 18.61
N VAL A 70 -3.11 -8.71 17.80
CA VAL A 70 -3.34 -8.24 16.43
C VAL A 70 -4.15 -6.95 16.45
N VAL A 71 -3.73 -5.92 15.75
CA VAL A 71 -4.46 -4.63 15.65
C VAL A 71 -5.21 -4.50 14.32
N ALA A 72 -4.75 -5.17 13.26
CA ALA A 72 -5.36 -5.10 11.91
C ALA A 72 -4.88 -6.32 11.15
N ASP A 73 -5.68 -6.77 10.20
CA ASP A 73 -5.28 -7.90 9.36
C ASP A 73 -6.06 -7.88 8.06
N GLY A 74 -5.52 -8.56 7.06
CA GLY A 74 -6.06 -8.68 5.69
C GLY A 74 -5.49 -9.89 5.00
N CYS A 75 -6.02 -10.24 3.84
CA CYS A 75 -5.41 -11.36 3.10
C CYS A 75 -5.52 -11.12 1.60
N PHE A 76 -4.73 -11.84 0.84
CA PHE A 76 -4.99 -12.03 -0.59
C PHE A 76 -5.39 -13.49 -0.73
N THR A 77 -6.16 -13.74 -1.77
CA THR A 77 -6.37 -15.12 -2.23
C THR A 77 -6.46 -15.16 -3.74
N TYR A 78 -6.05 -16.31 -4.29
CA TYR A 78 -6.19 -16.59 -5.73
C TYR A 78 -7.66 -16.74 -6.08
N SER A 79 -7.97 -16.56 -7.36
CA SER A 79 -9.37 -16.70 -7.86
C SER A 79 -9.57 -18.04 -8.60
N SER A 80 -8.64 -18.97 -8.47
CA SER A 80 -8.74 -20.37 -9.01
C SER A 80 -8.47 -21.33 -7.90
N LYS A 81 -9.08 -22.53 -7.93
CA LYS A 81 -8.89 -23.50 -6.83
C LYS A 81 -7.42 -23.96 -6.88
N VAL A 82 -6.93 -24.23 -8.09
CA VAL A 82 -5.51 -24.64 -8.28
C VAL A 82 -4.94 -23.75 -9.35
N PRO A 83 -4.30 -22.62 -8.96
CA PRO A 83 -3.80 -21.67 -9.94
C PRO A 83 -2.88 -22.37 -10.95
N GLU A 84 -2.89 -21.92 -12.19
CA GLU A 84 -1.96 -22.44 -13.22
C GLU A 84 -0.54 -22.18 -12.73
N SER A 85 -0.31 -20.98 -12.19
CA SER A 85 0.97 -20.57 -11.59
C SER A 85 0.59 -19.69 -10.40
N THR A 86 1.29 -19.82 -9.29
CA THR A 86 0.98 -19.02 -8.08
C THR A 86 1.67 -17.67 -8.32
N GLY A 87 0.92 -16.73 -8.89
CA GLY A 87 1.43 -15.40 -9.22
C GLY A 87 1.66 -14.55 -7.95
N ARG A 88 2.44 -13.51 -8.14
CA ARG A 88 2.83 -12.61 -7.03
C ARG A 88 1.72 -11.58 -6.78
N MET A 89 1.29 -11.50 -5.54
CA MET A 89 0.03 -10.79 -5.15
C MET A 89 0.39 -9.69 -4.15
N PRO A 90 0.77 -8.49 -4.56
CA PRO A 90 1.27 -7.48 -3.61
C PRO A 90 0.28 -7.19 -2.49
N PHE A 91 0.76 -7.06 -1.28
CA PHE A 91 -0.09 -6.94 -0.09
C PHE A 91 0.42 -5.77 0.75
N THR A 92 -0.46 -4.84 1.13
CA THR A 92 -0.09 -3.71 2.04
C THR A 92 -1.15 -3.66 3.12
N LEU A 93 -0.78 -3.37 4.37
CA LEU A 93 -1.71 -3.24 5.49
C LEU A 93 -1.27 -2.04 6.31
N VAL A 94 -2.20 -1.19 6.66
CA VAL A 94 -1.90 0.08 7.39
C VAL A 94 -2.78 0.13 8.64
N ALA A 95 -2.19 0.50 9.78
CA ALA A 95 -2.93 0.62 11.04
C ALA A 95 -2.29 1.75 11.85
N THR A 96 -3.09 2.41 12.67
CA THR A 96 -2.60 3.46 13.57
C THR A 96 -2.79 2.95 15.00
N ILE A 97 -1.73 2.85 15.76
CA ILE A 97 -1.80 2.36 17.17
C ILE A 97 -1.56 3.55 18.13
N ASP A 98 -2.43 3.71 19.15
CA ASP A 98 -2.22 4.62 20.30
C ASP A 98 -1.22 3.93 21.23
N VAL A 99 -0.01 4.48 21.39
CA VAL A 99 1.14 3.84 22.12
C VAL A 99 0.92 3.84 23.66
N GLY A 100 0.13 4.77 24.19
CA GLY A 100 -0.06 4.91 25.66
C GLY A 100 -0.42 3.59 26.33
N SER A 101 -1.31 2.82 25.69
CA SER A 101 -1.90 1.54 26.17
C SER A 101 -0.85 0.55 26.69
N GLY A 102 0.42 0.64 26.31
CA GLY A 102 1.47 -0.30 26.79
C GLY A 102 2.07 -1.09 25.64
N VAL A 103 2.30 -0.44 24.53
CA VAL A 103 2.92 -1.01 23.31
C VAL A 103 4.42 -0.88 23.50
N THR A 104 5.15 -1.99 23.47
CA THR A 104 6.63 -1.98 23.53
C THR A 104 7.22 -2.42 22.18
N PHE A 105 6.42 -3.09 21.33
CA PHE A 105 6.91 -3.53 20.01
C PHE A 105 5.74 -3.62 19.01
N VAL A 106 6.09 -3.60 17.72
N VAL A 106 6.07 -3.58 17.72
CA VAL A 106 5.13 -3.87 16.62
CA VAL A 106 5.12 -3.87 16.62
C VAL A 106 5.78 -4.93 15.74
C VAL A 106 5.77 -4.92 15.74
N LYS A 107 4.99 -5.86 15.22
CA LYS A 107 5.55 -6.92 14.39
C LYS A 107 4.54 -7.31 13.32
N GLY A 108 5.06 -7.91 12.25
CA GLY A 108 4.22 -8.53 11.22
C GLY A 108 4.06 -9.99 11.50
N GLN A 109 2.89 -10.53 11.16
CA GLN A 109 2.57 -11.96 11.34
C GLN A 109 1.85 -12.42 10.07
N TRP A 110 1.76 -13.72 9.94
CA TRP A 110 1.04 -14.33 8.79
C TRP A 110 0.43 -15.64 9.23
N LYS A 111 -0.51 -16.12 8.43
CA LYS A 111 -1.12 -17.42 8.64
C LYS A 111 -1.71 -17.89 7.34
N SER A 112 -1.87 -19.20 7.26
CA SER A 112 -2.28 -19.90 6.02
C SER A 112 -3.77 -19.64 5.76
N VAL A 113 -4.14 -19.41 4.50
CA VAL A 113 -5.52 -19.59 3.96
C VAL A 113 -5.64 -21.03 3.44
N ARG A 114 -6.50 -21.80 4.11
CA ARG A 114 -6.84 -23.18 3.70
C ARG A 114 -5.58 -24.04 3.49
N GLY A 115 -4.66 -24.00 4.43
CA GLY A 115 -3.47 -24.85 4.47
C GLY A 115 -2.37 -24.43 3.50
N SER A 116 -2.43 -23.22 2.91
CA SER A 116 -1.37 -22.76 1.97
C SER A 116 0.03 -22.66 2.63
N ALA A 117 1.09 -23.00 1.90
CA ALA A 117 2.50 -22.68 2.26
C ALA A 117 2.79 -21.23 1.90
N MET A 118 3.47 -20.52 2.79
CA MET A 118 3.60 -19.06 2.72
C MET A 118 5.01 -18.70 2.26
N HIS A 119 5.12 -17.93 1.18
CA HIS A 119 6.40 -17.65 0.51
C HIS A 119 6.73 -16.15 0.50
N ILE A 120 7.87 -15.82 1.08
CA ILE A 120 8.58 -14.53 0.83
C ILE A 120 10.01 -14.85 0.37
N ASP A 121 10.39 -14.43 -0.83
CA ASP A 121 11.74 -14.65 -1.41
C ASP A 121 12.27 -13.34 -2.00
N SER A 122 11.74 -12.20 -1.58
CA SER A 122 12.27 -10.86 -1.93
C SER A 122 11.79 -9.84 -0.89
N TYR A 123 12.19 -8.62 -1.11
CA TYR A 123 12.02 -7.52 -0.11
C TYR A 123 10.60 -7.44 0.46
N ALA A 124 10.51 -7.30 1.80
CA ALA A 124 9.27 -6.97 2.55
C ALA A 124 9.66 -6.02 3.68
N SER A 125 8.81 -5.11 4.11
CA SER A 125 9.21 -4.16 5.17
C SER A 125 8.09 -4.01 6.19
N LEU A 126 8.48 -3.47 7.33
CA LEU A 126 7.53 -3.01 8.36
C LEU A 126 8.05 -1.66 8.78
N SER A 127 7.18 -0.62 8.70
CA SER A 127 7.57 0.79 8.88
C SER A 127 6.62 1.43 9.85
N ALA A 128 7.12 2.44 10.57
CA ALA A 128 6.23 3.18 11.48
C ALA A 128 6.66 4.63 11.59
N ILE A 129 5.65 5.51 11.54
CA ILE A 129 5.86 6.96 11.66
C ILE A 129 5.18 7.36 12.97
N TRP A 130 5.91 8.08 13.81
CA TRP A 130 5.45 8.55 15.12
C TRP A 130 4.78 9.92 14.97
N GLY A 131 3.66 10.08 15.64
CA GLY A 131 2.97 11.36 15.73
C GLY A 131 2.21 11.43 17.04
N THR A 132 1.22 12.31 17.10
CA THR A 132 0.42 12.64 18.30
C THR A 132 -1.05 12.63 17.88
N ALA A 133 -1.96 12.73 18.84
CA ALA A 133 -3.38 13.03 18.56
C ALA A 133 -3.47 14.48 18.09
N ALA A 134 -4.62 14.84 17.51
CA ALA A 134 -4.90 16.15 16.90
C ALA A 134 -5.17 17.18 17.99
N GLY B 1 -2.01 17.34 19.74
CA GLY B 1 -0.49 17.39 19.74
C GLY B 1 0.07 18.13 18.52
N HIS B 2 1.40 18.17 18.41
CA HIS B 2 2.17 19.01 17.45
C HIS B 2 2.45 18.24 16.14
N MET B 3 2.12 16.96 16.06
CA MET B 3 2.40 16.07 14.88
C MET B 3 1.24 15.11 14.67
N PRO B 4 0.06 15.64 14.33
CA PRO B 4 -1.16 14.87 14.25
C PRO B 4 -1.11 13.71 13.26
N LEU B 5 -1.59 12.55 13.71
CA LEU B 5 -1.92 11.35 12.88
C LEU B 5 -3.41 11.16 12.97
N LEU B 6 -4.11 11.14 11.84
CA LEU B 6 -5.56 10.87 11.80
C LEU B 6 -5.75 9.44 11.32
N SER B 7 -6.81 8.77 11.79
CA SER B 7 -7.08 7.36 11.44
C SER B 7 -8.57 7.09 11.60
N ALA B 8 -9.12 6.30 10.69
CA ALA B 8 -10.48 5.75 10.81
C ALA B 8 -10.37 4.33 10.28
N SER B 9 -11.12 3.41 10.89
CA SER B 9 -11.12 2.05 10.38
C SER B 9 -12.52 1.47 10.49
N ILE B 10 -12.83 0.49 9.64
CA ILE B 10 -14.14 -0.22 9.59
C ILE B 10 -13.87 -1.71 9.54
N VAL B 11 -14.92 -2.55 9.69
CA VAL B 11 -14.74 -4.00 9.49
C VAL B 11 -15.75 -4.50 8.46
N SER B 12 -16.69 -3.65 8.02
CA SER B 12 -17.72 -4.08 7.05
C SER B 12 -18.37 -2.85 6.44
N ALA B 13 -19.09 -3.06 5.37
CA ALA B 13 -20.02 -2.05 4.79
C ALA B 13 -21.14 -2.78 4.12
N PRO B 14 -22.36 -2.19 4.12
CA PRO B 14 -23.44 -2.83 3.40
C PRO B 14 -22.95 -3.02 1.95
N VAL B 15 -23.27 -4.15 1.39
CA VAL B 15 -22.86 -4.49 -0.01
C VAL B 15 -23.77 -3.70 -0.95
N VAL B 16 -23.22 -3.00 -1.90
CA VAL B 16 -24.00 -2.14 -2.82
C VAL B 16 -23.32 -2.22 -4.18
N THR B 17 -24.07 -1.82 -5.19
CA THR B 17 -23.56 -1.56 -6.53
C THR B 17 -23.75 -0.07 -6.78
N SER B 18 -22.82 0.55 -7.47
CA SER B 18 -22.98 1.98 -7.78
C SER B 18 -22.20 2.30 -9.06
N GLU B 19 -22.80 3.01 -9.99
CA GLU B 19 -22.15 3.50 -11.24
C GLU B 19 -21.17 4.66 -10.95
N THR B 20 -21.34 5.40 -9.85
CA THR B 20 -20.58 6.61 -9.47
C THR B 20 -20.02 6.48 -8.05
N TYR B 21 -18.99 7.26 -7.74
CA TYR B 21 -18.40 7.16 -6.40
C TYR B 21 -19.48 7.38 -5.34
N VAL B 22 -19.55 6.47 -4.34
CA VAL B 22 -20.32 6.68 -3.10
C VAL B 22 -19.39 6.48 -1.93
N ASP B 23 -19.71 7.13 -0.82
CA ASP B 23 -18.86 7.00 0.39
C ASP B 23 -18.77 5.54 0.83
N ILE B 24 -17.58 5.13 1.28
CA ILE B 24 -17.37 3.90 2.12
C ILE B 24 -17.68 4.33 3.54
N PRO B 25 -18.82 3.91 4.09
CA PRO B 25 -19.25 4.48 5.37
C PRO B 25 -18.23 4.19 6.47
N GLY B 26 -17.87 5.23 7.24
CA GLY B 26 -16.92 5.07 8.35
C GLY B 26 -15.50 5.46 8.01
N LEU B 27 -15.12 5.46 6.73
CA LEU B 27 -13.81 5.94 6.29
C LEU B 27 -13.90 7.43 5.99
N TYR B 28 -13.71 8.21 7.03
CA TYR B 28 -13.96 9.67 7.05
C TYR B 28 -13.09 10.25 8.14
N LEU B 29 -12.35 11.27 7.81
CA LEU B 29 -11.46 12.00 8.75
C LEU B 29 -11.93 13.45 8.80
N ASP B 30 -12.27 13.91 10.00
CA ASP B 30 -12.69 15.31 10.20
C ASP B 30 -11.44 16.15 10.42
N VAL B 31 -10.95 16.76 9.36
CA VAL B 31 -9.66 17.53 9.34
C VAL B 31 -9.85 18.90 10.03
N ALA B 32 -10.98 19.54 9.81
CA ALA B 32 -11.28 20.86 10.42
C ALA B 32 -11.27 20.66 11.94
N LYS B 33 -12.02 19.69 12.47
CA LYS B 33 -11.98 19.25 13.89
C LYS B 33 -10.54 19.11 14.39
N ALA B 34 -9.61 18.54 13.61
CA ALA B 34 -8.18 18.44 13.99
C ALA B 34 -7.47 19.82 14.01
N GLY B 35 -8.06 20.85 13.41
CA GLY B 35 -7.46 22.20 13.38
C GLY B 35 -6.30 22.21 12.41
N ILE B 36 -6.37 21.32 11.42
CA ILE B 36 -5.41 21.36 10.29
C ILE B 36 -6.00 22.38 9.31
N ARG B 37 -5.25 23.45 9.00
CA ARG B 37 -5.75 24.50 8.06
C ARG B 37 -4.71 24.87 7.00
N ASP B 38 -3.45 24.49 7.23
CA ASP B 38 -2.35 24.74 6.29
C ASP B 38 -1.50 23.48 6.30
N GLY B 39 -0.60 23.39 5.32
CA GLY B 39 0.33 22.26 5.18
C GLY B 39 -0.25 21.24 4.22
N LYS B 40 0.23 20.01 4.39
CA LYS B 40 -0.04 18.86 3.51
C LYS B 40 -0.54 17.70 4.39
N LEU B 41 -1.37 16.85 3.79
CA LEU B 41 -1.74 15.58 4.43
C LEU B 41 -1.35 14.49 3.44
N GLN B 42 -0.59 13.49 3.89
CA GLN B 42 -0.40 12.25 3.10
C GLN B 42 -1.48 11.29 3.59
N VAL B 43 -2.35 10.87 2.70
CA VAL B 43 -3.59 10.12 3.01
C VAL B 43 -3.38 8.74 2.40
N ILE B 44 -3.59 7.70 3.18
CA ILE B 44 -3.59 6.33 2.64
C ILE B 44 -4.99 5.76 2.82
N LEU B 45 -5.53 5.22 1.76
CA LEU B 45 -6.79 4.42 1.80
C LEU B 45 -6.35 2.98 1.64
N ASN B 46 -6.62 2.16 2.65
CA ASN B 46 -6.10 0.79 2.74
C ASN B 46 -7.28 -0.14 2.83
N VAL B 47 -7.52 -0.88 1.79
CA VAL B 47 -8.64 -1.87 1.73
C VAL B 47 -7.99 -3.19 1.41
N PRO B 48 -7.44 -3.89 2.45
CA PRO B 48 -6.56 -5.02 2.15
C PRO B 48 -7.30 -6.29 1.75
N THR B 49 -8.60 -6.43 1.99
CA THR B 49 -9.24 -7.75 1.72
C THR B 49 -10.58 -7.58 1.01
N PRO B 50 -10.72 -6.80 -0.09
CA PRO B 50 -12.02 -6.61 -0.71
C PRO B 50 -12.26 -7.75 -1.70
N TYR B 51 -13.50 -7.96 -2.07
CA TYR B 51 -13.81 -8.67 -3.32
C TYR B 51 -15.00 -8.04 -4.02
N ALA B 52 -15.23 -8.46 -5.27
CA ALA B 52 -16.26 -7.90 -6.16
C ALA B 52 -17.01 -9.09 -6.75
N THR B 53 -18.33 -9.06 -6.81
CA THR B 53 -19.10 -10.13 -7.49
C THR B 53 -19.72 -9.54 -8.75
N GLY B 54 -19.86 -10.37 -9.77
CA GLY B 54 -20.40 -9.92 -11.07
C GLY B 54 -20.09 -10.93 -12.14
N ASN B 55 -20.41 -10.55 -13.38
CA ASN B 55 -20.36 -11.56 -14.47
C ASN B 55 -19.65 -10.95 -15.68
N ASN B 56 -18.89 -9.86 -15.51
CA ASN B 56 -18.16 -9.26 -16.67
C ASN B 56 -16.84 -8.62 -16.19
N PHE B 57 -15.85 -9.45 -15.83
CA PHE B 57 -14.52 -9.01 -15.35
C PHE B 57 -14.72 -8.10 -14.12
N PRO B 58 -15.18 -8.62 -12.96
CA PRO B 58 -15.56 -7.76 -11.85
C PRO B 58 -14.38 -7.03 -11.21
N GLY B 59 -14.71 -5.96 -10.54
CA GLY B 59 -13.71 -5.21 -9.80
C GLY B 59 -14.31 -4.02 -9.08
N ILE B 60 -13.45 -3.28 -8.40
CA ILE B 60 -13.92 -2.10 -7.63
C ILE B 60 -12.99 -0.96 -7.90
N TYR B 61 -13.54 0.21 -8.16
N TYR B 61 -13.55 0.21 -8.16
CA TYR B 61 -12.78 1.48 -8.10
CA TYR B 61 -12.78 1.49 -8.14
C TYR B 61 -12.86 2.07 -6.71
C TYR B 61 -12.86 2.09 -6.73
N PHE B 62 -11.76 2.63 -6.25
CA PHE B 62 -11.68 3.31 -4.95
C PHE B 62 -11.09 4.68 -5.15
N ALA B 63 -11.44 5.61 -4.28
CA ALA B 63 -10.99 7.00 -4.41
C ALA B 63 -10.78 7.57 -3.03
N ILE B 64 -9.83 8.50 -2.97
CA ILE B 64 -9.69 9.46 -1.84
C ILE B 64 -10.40 10.75 -2.29
N ALA B 65 -11.31 11.28 -1.48
CA ALA B 65 -12.05 12.50 -1.83
C ALA B 65 -11.91 13.47 -0.65
N THR B 66 -11.88 14.77 -0.93
CA THR B 66 -12.08 15.85 0.06
C THR B 66 -13.42 16.53 -0.20
N ASN B 67 -13.69 17.64 0.48
CA ASN B 67 -14.92 18.42 0.18
C ASN B 67 -14.82 18.95 -1.27
N GLN B 68 -13.63 18.95 -1.87
CA GLN B 68 -13.45 19.42 -3.26
C GLN B 68 -13.59 18.28 -4.28
N GLY B 69 -13.84 17.06 -3.84
CA GLY B 69 -14.12 15.91 -4.71
C GLY B 69 -12.91 14.98 -4.69
N VAL B 70 -12.85 14.14 -5.69
CA VAL B 70 -11.82 13.07 -5.79
C VAL B 70 -10.45 13.66 -6.07
N VAL B 71 -9.46 13.26 -5.28
N VAL B 71 -9.45 13.27 -5.28
CA VAL B 71 -8.06 13.70 -5.45
CA VAL B 71 -8.03 13.72 -5.47
C VAL B 71 -7.22 12.63 -6.16
C VAL B 71 -7.20 12.63 -6.17
N ALA B 72 -7.57 11.36 -6.00
CA ALA B 72 -6.85 10.22 -6.61
C ALA B 72 -7.80 9.03 -6.60
N ASP B 73 -7.54 8.10 -7.49
N ASP B 73 -7.62 8.14 -7.56
CA ASP B 73 -8.44 6.95 -7.70
CA ASP B 73 -8.41 6.90 -7.59
C ASP B 73 -7.61 5.81 -8.29
C ASP B 73 -7.62 5.81 -8.29
N GLY B 74 -8.05 4.57 -8.07
CA GLY B 74 -7.47 3.36 -8.69
C GLY B 74 -8.43 2.21 -8.60
N CYS B 75 -8.15 1.10 -9.23
CA CYS B 75 -9.07 -0.05 -9.12
C CYS B 75 -8.31 -1.36 -9.09
N PHE B 76 -8.97 -2.45 -8.64
CA PHE B 76 -8.53 -3.80 -8.99
C PHE B 76 -9.61 -4.35 -9.90
N THR B 77 -9.21 -5.25 -10.79
CA THR B 77 -10.16 -6.12 -11.50
C THR B 77 -9.58 -7.51 -11.65
N TYR B 78 -10.50 -8.47 -11.70
CA TYR B 78 -10.15 -9.88 -11.98
C TYR B 78 -9.70 -10.00 -13.45
N SER B 79 -9.01 -11.08 -13.77
CA SER B 79 -8.49 -11.42 -15.12
C SER B 79 -9.30 -12.56 -15.80
N SER B 80 -10.45 -12.90 -15.26
CA SER B 80 -11.41 -13.87 -15.85
C SER B 80 -12.74 -13.18 -15.93
N LYS B 81 -13.55 -13.51 -16.94
N LYS B 81 -13.55 -13.46 -16.95
CA LYS B 81 -14.84 -12.81 -17.10
CA LYS B 81 -14.86 -12.79 -17.13
C LYS B 81 -15.75 -13.18 -15.91
C LYS B 81 -15.75 -13.17 -15.94
N VAL B 82 -15.72 -14.44 -15.55
CA VAL B 82 -16.50 -14.99 -14.42
C VAL B 82 -15.52 -15.79 -13.59
N PRO B 83 -14.90 -15.16 -12.55
CA PRO B 83 -13.87 -15.84 -11.80
C PRO B 83 -14.43 -17.16 -11.23
N GLU B 84 -13.61 -18.20 -11.16
CA GLU B 84 -14.03 -19.45 -10.48
C GLU B 84 -14.43 -19.11 -9.04
N SER B 85 -13.65 -18.27 -8.37
CA SER B 85 -13.96 -17.75 -7.02
C SER B 85 -13.53 -16.27 -6.99
N THR B 86 -14.29 -15.39 -6.37
CA THR B 86 -13.94 -13.95 -6.28
C THR B 86 -12.92 -13.85 -5.14
N GLY B 87 -11.65 -13.94 -5.50
CA GLY B 87 -10.55 -13.90 -4.52
C GLY B 87 -10.33 -12.48 -4.00
N ARG B 88 -9.60 -12.43 -2.93
CA ARG B 88 -9.35 -11.19 -2.16
C ARG B 88 -8.16 -10.45 -2.80
N MET B 89 -8.38 -9.19 -3.15
CA MET B 89 -7.47 -8.40 -4.01
C MET B 89 -6.98 -7.16 -3.26
N PRO B 90 -5.88 -7.22 -2.47
CA PRO B 90 -5.54 -6.08 -1.61
C PRO B 90 -5.37 -4.77 -2.37
N PHE B 91 -5.84 -3.67 -1.82
CA PHE B 91 -5.87 -2.40 -2.57
C PHE B 91 -5.33 -1.32 -1.64
N THR B 92 -4.33 -0.56 -2.07
CA THR B 92 -3.81 0.61 -1.32
C THR B 92 -3.81 1.79 -2.30
N LEU B 93 -4.16 3.00 -1.82
CA LEU B 93 -4.13 4.23 -2.63
C LEU B 93 -3.55 5.33 -1.75
N VAL B 94 -2.60 6.06 -2.26
CA VAL B 94 -1.87 7.10 -1.48
C VAL B 94 -1.90 8.41 -2.25
N ALA B 95 -2.24 9.52 -1.57
CA ALA B 95 -2.32 10.84 -2.21
C ALA B 95 -1.91 11.88 -1.17
N THR B 96 -1.36 12.96 -1.65
CA THR B 96 -0.91 14.07 -0.78
C THR B 96 -1.76 15.29 -1.15
N ILE B 97 -2.46 15.85 -0.19
CA ILE B 97 -3.35 17.01 -0.41
C ILE B 97 -2.77 18.27 0.27
N ASP B 98 -2.81 19.41 -0.45
CA ASP B 98 -2.58 20.79 0.07
C ASP B 98 -3.82 21.19 0.87
N VAL B 99 -3.76 21.29 2.19
CA VAL B 99 -4.95 21.63 3.03
C VAL B 99 -5.40 23.10 2.88
N GLY B 100 -4.50 24.01 2.48
CA GLY B 100 -4.82 25.45 2.29
C GLY B 100 -6.08 25.65 1.47
N SER B 101 -6.21 24.89 0.38
CA SER B 101 -7.29 24.95 -0.65
C SER B 101 -8.69 25.06 -0.05
N GLY B 102 -8.93 24.59 1.18
CA GLY B 102 -10.27 24.56 1.81
C GLY B 102 -10.77 23.13 2.02
N VAL B 103 -9.89 22.27 2.52
CA VAL B 103 -10.18 20.87 2.87
C VAL B 103 -10.66 20.90 4.30
N THR B 104 -11.86 20.40 4.57
CA THR B 104 -12.37 20.23 5.94
C THR B 104 -12.47 18.73 6.28
N PHE B 105 -12.47 17.85 5.29
CA PHE B 105 -12.57 16.39 5.55
C PHE B 105 -11.89 15.61 4.41
N VAL B 106 -11.50 14.38 4.71
CA VAL B 106 -11.02 13.42 3.68
CA VAL B 106 -11.02 13.41 3.69
C VAL B 106 -11.85 12.15 3.86
N LYS B 107 -12.20 11.50 2.76
CA LYS B 107 -13.00 10.29 2.91
C LYS B 107 -12.64 9.29 1.82
N GLY B 108 -13.00 8.06 2.06
CA GLY B 108 -12.91 7.00 1.05
C GLY B 108 -14.22 6.84 0.33
N GLN B 109 -14.13 6.54 -0.96
CA GLN B 109 -15.32 6.24 -1.78
C GLN B 109 -14.99 5.02 -2.65
N TRP B 110 -16.05 4.45 -3.22
CA TRP B 110 -15.90 3.30 -4.13
C TRP B 110 -16.99 3.34 -5.16
N LYS B 111 -16.78 2.59 -6.25
CA LYS B 111 -17.78 2.44 -7.30
C LYS B 111 -17.53 1.17 -8.02
N SER B 112 -18.59 0.68 -8.65
CA SER B 112 -18.64 -0.61 -9.35
C SER B 112 -17.81 -0.55 -10.63
N VAL B 113 -17.05 -1.61 -10.91
CA VAL B 113 -16.53 -1.93 -12.27
C VAL B 113 -17.54 -2.87 -12.94
N ARG B 114 -18.18 -2.36 -14.00
CA ARG B 114 -19.08 -3.18 -14.86
C ARG B 114 -20.17 -3.85 -14.01
N GLY B 115 -20.82 -3.07 -13.16
CA GLY B 115 -21.99 -3.49 -12.36
C GLY B 115 -21.65 -4.41 -11.20
N SER B 116 -20.37 -4.53 -10.79
CA SER B 116 -19.97 -5.41 -9.64
C SER B 116 -20.62 -4.96 -8.32
N ALA B 117 -21.04 -5.89 -7.47
CA ALA B 117 -21.35 -5.70 -6.05
C ALA B 117 -20.04 -5.59 -5.26
N MET B 118 -19.99 -4.61 -4.38
CA MET B 118 -18.73 -4.25 -3.67
C MET B 118 -18.71 -4.79 -2.23
N HIS B 119 -17.68 -5.56 -1.88
CA HIS B 119 -17.63 -6.30 -0.58
C HIS B 119 -16.44 -5.90 0.29
N ILE B 120 -16.74 -5.38 1.48
CA ILE B 120 -15.80 -5.29 2.63
C ILE B 120 -16.41 -6.05 3.83
N ASP B 121 -15.69 -7.05 4.34
CA ASP B 121 -16.16 -7.89 5.46
C ASP B 121 -15.03 -8.10 6.48
N SER B 122 -13.98 -7.28 6.43
CA SER B 122 -12.89 -7.25 7.40
C SER B 122 -12.22 -5.89 7.35
N TYR B 123 -11.22 -5.74 8.19
CA TYR B 123 -10.52 -4.47 8.44
C TYR B 123 -10.18 -3.70 7.15
N ALA B 124 -10.43 -2.38 7.16
CA ALA B 124 -10.05 -1.38 6.14
C ALA B 124 -9.79 -0.07 6.85
N SER B 125 -8.89 0.76 6.38
CA SER B 125 -8.55 1.98 7.12
C SER B 125 -8.38 3.17 6.17
N LEU B 126 -8.48 4.34 6.74
CA LEU B 126 -8.15 5.60 6.06
C LEU B 126 -7.28 6.37 7.06
N SER B 127 -6.09 6.78 6.66
CA SER B 127 -5.04 7.33 7.57
C SER B 127 -4.50 8.57 6.94
N ALA B 128 -4.06 9.50 7.77
CA ALA B 128 -3.42 10.72 7.26
C ALA B 128 -2.35 11.21 8.20
N ILE B 129 -1.24 11.63 7.61
CA ILE B 129 -0.09 12.16 8.40
C ILE B 129 0.04 13.61 7.96
N TRP B 130 0.09 14.52 8.94
CA TRP B 130 0.18 15.97 8.69
C TRP B 130 1.66 16.36 8.58
N GLY B 131 1.95 17.17 7.59
CA GLY B 131 3.27 17.80 7.44
C GLY B 131 3.15 19.16 6.77
N THR B 132 4.27 19.65 6.23
CA THR B 132 4.35 20.98 5.60
C THR B 132 4.94 20.81 4.21
N ALA B 133 4.92 21.86 3.41
CA ALA B 133 5.75 21.93 2.19
C ALA B 133 7.22 22.04 2.62
N ALA B 134 8.13 21.79 1.68
CA ALA B 134 9.60 21.80 1.90
C ALA B 134 10.07 23.26 2.00
N GLY C 1 8.97 24.39 5.23
CA GLY C 1 8.38 24.06 6.58
C GLY C 1 9.26 23.08 7.35
N HIS C 2 8.89 22.79 8.60
CA HIS C 2 9.70 22.03 9.60
C HIS C 2 9.40 20.52 9.54
N MET C 3 8.40 20.08 8.76
CA MET C 3 7.96 18.66 8.68
C MET C 3 7.56 18.32 7.24
N PRO C 4 8.52 18.36 6.32
CA PRO C 4 8.25 18.17 4.90
C PRO C 4 7.59 16.85 4.54
N LEU C 5 6.59 16.93 3.66
CA LEU C 5 6.01 15.81 2.87
C LEU C 5 6.31 16.10 1.40
N LEU C 6 6.94 15.18 0.70
CA LEU C 6 7.23 15.30 -0.75
C LEU C 6 6.26 14.37 -1.51
N SER C 7 5.87 14.74 -2.71
CA SER C 7 4.83 14.03 -3.50
C SER C 7 5.02 14.32 -4.96
N ALA C 8 4.88 13.30 -5.79
CA ALA C 8 4.85 13.45 -7.25
C ALA C 8 3.81 12.45 -7.72
N SER C 9 3.04 12.85 -8.71
CA SER C 9 1.98 11.95 -9.22
C SER C 9 1.91 12.09 -10.72
N ILE C 10 1.50 11.01 -11.39
CA ILE C 10 1.33 10.95 -12.87
C ILE C 10 -0.06 10.39 -13.17
N VAL C 11 -0.47 10.43 -14.44
CA VAL C 11 -1.73 9.76 -14.84
C VAL C 11 -1.47 8.80 -15.98
N SER C 12 -0.24 8.72 -16.50
CA SER C 12 0.10 7.82 -17.63
C SER C 12 1.62 7.76 -17.81
N ALA C 13 2.09 6.83 -18.62
CA ALA C 13 3.49 6.76 -19.12
C ALA C 13 3.46 6.01 -20.46
N PRO C 14 4.35 6.38 -21.40
CA PRO C 14 4.48 5.64 -22.64
C PRO C 14 4.63 4.17 -22.25
N VAL C 15 3.94 3.31 -22.93
CA VAL C 15 4.00 1.85 -22.77
C VAL C 15 5.35 1.40 -23.34
N VAL C 16 6.11 0.66 -22.59
CA VAL C 16 7.46 0.19 -22.98
C VAL C 16 7.61 -1.20 -22.43
N THR C 17 8.58 -1.91 -23.02
N THR C 17 8.57 -1.91 -23.02
CA THR C 17 9.10 -3.16 -22.48
CA THR C 17 9.10 -3.17 -22.49
C THR C 17 10.56 -2.88 -22.12
C THR C 17 10.55 -2.89 -22.14
N SER C 18 11.05 -3.51 -21.08
CA SER C 18 12.44 -3.29 -20.65
C SER C 18 12.87 -4.48 -19.81
N GLU C 19 14.03 -5.06 -20.14
CA GLU C 19 14.65 -6.17 -19.35
C GLU C 19 15.22 -5.68 -18.01
N THR C 20 15.61 -4.39 -17.90
CA THR C 20 16.23 -3.78 -16.70
C THR C 20 15.44 -2.56 -16.22
N TYR C 21 15.65 -2.17 -14.96
CA TYR C 21 14.90 -1.02 -14.43
C TYR C 21 15.11 0.22 -15.33
N VAL C 22 14.00 0.83 -15.74
CA VAL C 22 14.00 2.18 -16.36
C VAL C 22 13.09 3.07 -15.50
N ASP C 23 13.39 4.37 -15.51
CA ASP C 23 12.58 5.35 -14.75
C ASP C 23 11.12 5.28 -15.20
N ILE C 24 10.18 5.39 -14.22
CA ILE C 24 8.76 5.74 -14.51
C ILE C 24 8.70 7.26 -14.62
N PRO C 25 8.57 7.83 -15.81
CA PRO C 25 8.68 9.26 -15.94
C PRO C 25 7.67 9.98 -15.06
N GLY C 26 8.16 11.02 -14.35
CA GLY C 26 7.32 11.89 -13.52
C GLY C 26 7.29 11.47 -12.06
N LEU C 27 7.59 10.20 -11.73
CA LEU C 27 7.73 9.75 -10.35
C LEU C 27 9.17 9.94 -9.90
N TYR C 28 9.42 11.13 -9.41
CA TYR C 28 10.75 11.64 -9.10
C TYR C 28 10.58 12.72 -8.05
N LEU C 29 11.34 12.63 -6.97
CA LEU C 29 11.32 13.64 -5.89
C LEU C 29 12.72 14.24 -5.77
N ASP C 30 12.81 15.56 -5.84
CA ASP C 30 14.11 16.27 -5.72
C ASP C 30 14.32 16.56 -4.24
N VAL C 31 15.07 15.69 -3.57
CA VAL C 31 15.31 15.73 -2.11
C VAL C 31 16.31 16.86 -1.78
N ALA C 32 17.34 17.02 -2.60
CA ALA C 32 18.36 18.07 -2.38
C ALA C 32 17.63 19.42 -2.35
N LYS C 33 16.85 19.74 -3.41
CA LYS C 33 15.93 20.91 -3.48
C LYS C 33 15.18 21.11 -2.15
N ALA C 34 14.65 20.06 -1.53
CA ALA C 34 13.94 20.16 -0.23
C ALA C 34 14.89 20.53 0.92
N GLY C 35 16.22 20.40 0.77
CA GLY C 35 17.18 20.69 1.83
C GLY C 35 17.12 19.59 2.86
N ILE C 36 16.73 18.39 2.42
CA ILE C 36 16.86 17.19 3.26
C ILE C 36 18.30 16.72 3.09
N ARG C 37 19.10 16.64 4.17
CA ARG C 37 20.51 16.20 4.09
C ARG C 37 20.86 15.16 5.14
N ASP C 38 20.03 15.06 6.19
CA ASP C 38 20.21 14.08 7.28
C ASP C 38 18.82 13.56 7.61
N GLY C 39 18.80 12.50 8.41
CA GLY C 39 17.57 11.86 8.91
C GLY C 39 17.21 10.69 8.01
N LYS C 40 15.90 10.40 8.00
CA LYS C 40 15.32 9.27 7.24
C LYS C 40 14.17 9.80 6.33
N LEU C 41 13.90 9.07 5.26
CA LEU C 41 12.68 9.33 4.44
C LEU C 41 11.95 8.01 4.38
N GLN C 42 10.65 8.00 4.69
CA GLN C 42 9.80 6.83 4.35
C GLN C 42 9.18 7.16 2.99
N VAL C 43 9.44 6.32 1.99
CA VAL C 43 9.07 6.54 0.58
C VAL C 43 8.01 5.50 0.27
N ILE C 44 6.88 5.94 -0.27
CA ILE C 44 5.87 4.99 -0.82
C ILE C 44 5.82 5.15 -2.32
N LEU C 45 5.96 4.05 -3.05
CA LEU C 45 5.61 4.01 -4.49
C LEU C 45 4.26 3.32 -4.63
N ASN C 46 3.29 4.03 -5.15
CA ASN C 46 1.87 3.61 -5.18
C ASN C 46 1.44 3.55 -6.63
N VAL C 47 1.24 2.36 -7.14
CA VAL C 47 0.82 2.19 -8.54
C VAL C 47 -0.47 1.37 -8.46
N PRO C 48 -1.62 2.02 -8.23
CA PRO C 48 -2.81 1.26 -7.81
C PRO C 48 -3.51 0.56 -8.97
N THR C 49 -3.28 0.96 -10.20
CA THR C 49 -4.09 0.37 -11.30
C THR C 49 -3.23 -0.06 -12.49
N PRO C 50 -2.12 -0.81 -12.32
CA PRO C 50 -1.28 -1.16 -13.46
C PRO C 50 -1.87 -2.38 -14.17
N TYR C 51 -1.48 -2.62 -15.40
CA TYR C 51 -1.54 -3.98 -16.00
C TYR C 51 -0.32 -4.23 -16.87
N ALA C 52 -0.15 -5.50 -17.25
CA ALA C 52 0.96 -5.97 -18.08
C ALA C 52 0.35 -6.76 -19.23
N THR C 53 0.91 -6.62 -20.45
CA THR C 53 0.48 -7.50 -21.58
C THR C 53 1.66 -8.39 -21.95
N GLY C 54 1.39 -9.61 -22.37
CA GLY C 54 2.47 -10.57 -22.67
C GLY C 54 1.85 -11.93 -22.92
N ASN C 55 2.67 -12.93 -23.12
CA ASN C 55 2.16 -14.27 -23.45
C ASN C 55 2.84 -15.31 -22.58
N ASN C 56 3.46 -14.93 -21.46
CA ASN C 56 4.12 -15.94 -20.59
C ASN C 56 4.05 -15.48 -19.12
N PHE C 57 2.87 -15.54 -18.49
CA PHE C 57 2.64 -15.17 -17.08
C PHE C 57 3.06 -13.71 -16.87
N PRO C 58 2.36 -12.71 -17.46
CA PRO C 58 2.86 -11.33 -17.48
C PRO C 58 2.84 -10.70 -16.08
N GLY C 59 3.65 -9.68 -15.94
CA GLY C 59 3.68 -8.88 -14.74
C GLY C 59 4.71 -7.76 -14.85
N ILE C 60 4.81 -7.01 -13.78
CA ILE C 60 5.72 -5.82 -13.76
C ILE C 60 6.48 -5.85 -12.45
N TYR C 61 7.78 -5.63 -12.54
CA TYR C 61 8.60 -5.28 -11.35
C TYR C 61 8.67 -3.77 -11.20
N PHE C 62 8.62 -3.31 -9.96
CA PHE C 62 8.73 -1.91 -9.60
C PHE C 62 9.80 -1.75 -8.55
N ALA C 63 10.45 -0.62 -8.57
CA ALA C 63 11.52 -0.34 -7.60
C ALA C 63 11.41 1.10 -7.14
N ILE C 64 11.89 1.33 -5.93
CA ILE C 64 12.27 2.68 -5.44
C ILE C 64 13.82 2.75 -5.61
N ALA C 65 14.31 3.80 -6.27
CA ALA C 65 15.74 3.98 -6.47
C ALA C 65 16.10 5.38 -5.95
N THR C 66 17.32 5.55 -5.45
CA THR C 66 17.95 6.89 -5.21
C THR C 66 19.10 7.07 -6.20
N ASN C 67 19.92 8.11 -6.01
CA ASN C 67 21.13 8.26 -6.87
C ASN C 67 22.08 7.09 -6.60
N GLN C 68 21.89 6.38 -5.50
CA GLN C 68 22.72 5.22 -5.13
C GLN C 68 22.16 3.89 -5.67
N GLY C 69 21.05 3.93 -6.43
CA GLY C 69 20.46 2.78 -7.12
C GLY C 69 19.23 2.29 -6.39
N VAL C 70 18.80 1.08 -6.72
CA VAL C 70 17.55 0.49 -6.14
C VAL C 70 17.69 0.22 -4.66
N VAL C 71 16.72 0.65 -3.85
N VAL C 71 16.70 0.64 -3.87
CA VAL C 71 16.71 0.37 -2.39
CA VAL C 71 16.68 0.42 -2.41
C VAL C 71 15.73 -0.75 -2.06
C VAL C 71 15.74 -0.75 -2.07
N ALA C 72 14.65 -0.91 -2.82
CA ALA C 72 13.62 -1.94 -2.55
C ALA C 72 12.91 -2.21 -3.85
N ASP C 73 12.40 -3.41 -4.01
CA ASP C 73 11.64 -3.72 -5.25
C ASP C 73 10.67 -4.85 -4.97
N GLY C 74 9.70 -4.99 -5.85
CA GLY C 74 8.66 -6.03 -5.78
C GLY C 74 7.96 -6.18 -7.11
N CYS C 75 7.12 -7.18 -7.23
CA CYS C 75 6.36 -7.30 -8.51
C CYS C 75 4.98 -7.87 -8.27
N PHE C 76 4.09 -7.66 -9.24
CA PHE C 76 2.89 -8.50 -9.37
C PHE C 76 3.11 -9.36 -10.58
N THR C 77 2.46 -10.52 -10.59
CA THR C 77 2.31 -11.32 -11.82
C THR C 77 0.95 -11.99 -11.83
N TYR C 78 0.46 -12.21 -13.04
CA TYR C 78 -0.82 -12.94 -13.24
C TYR C 78 -0.61 -14.42 -12.89
N SER C 79 -1.70 -15.15 -12.67
CA SER C 79 -1.67 -16.61 -12.34
C SER C 79 -2.10 -17.47 -13.55
N SER C 80 -2.18 -16.90 -14.73
CA SER C 80 -2.47 -17.64 -15.98
C SER C 80 -1.38 -17.29 -16.99
N LYS C 81 -1.05 -18.22 -17.89
CA LYS C 81 0.04 -17.99 -18.87
C LYS C 81 -0.38 -16.86 -19.79
N VAL C 82 -1.61 -16.91 -20.26
CA VAL C 82 -2.21 -15.83 -21.08
C VAL C 82 -3.53 -15.48 -20.42
N PRO C 83 -3.56 -14.44 -19.57
CA PRO C 83 -4.80 -14.07 -18.88
C PRO C 83 -5.94 -13.87 -19.90
N GLU C 84 -7.15 -14.25 -19.52
CA GLU C 84 -8.35 -13.98 -20.33
C GLU C 84 -8.44 -12.50 -20.63
N SER C 85 -8.26 -11.68 -19.58
CA SER C 85 -8.10 -10.22 -19.70
C SER C 85 -7.02 -9.81 -18.69
N THR C 86 -6.14 -8.90 -19.05
CA THR C 86 -5.05 -8.43 -18.15
C THR C 86 -5.72 -7.46 -17.13
N GLY C 87 -6.13 -8.01 -16.00
CA GLY C 87 -6.77 -7.23 -14.93
C GLY C 87 -5.85 -6.31 -14.18
N ARG C 88 -6.44 -5.39 -13.47
CA ARG C 88 -5.68 -4.30 -12.73
C ARG C 88 -5.22 -4.87 -11.40
N MET C 89 -3.94 -4.76 -11.12
CA MET C 89 -3.25 -5.49 -10.01
C MET C 89 -2.60 -4.47 -9.08
N PRO C 90 -3.30 -3.89 -8.10
CA PRO C 90 -2.74 -2.77 -7.35
C PRO C 90 -1.40 -3.11 -6.71
N PHE C 91 -0.48 -2.17 -6.73
CA PHE C 91 0.89 -2.44 -6.29
C PHE C 91 1.34 -1.28 -5.37
N THR C 92 1.87 -1.57 -4.21
CA THR C 92 2.45 -0.54 -3.28
C THR C 92 3.80 -1.09 -2.86
N LEU C 93 4.80 -0.20 -2.70
CA LEU C 93 6.12 -0.57 -2.21
C LEU C 93 6.54 0.51 -1.22
N VAL C 94 7.05 0.10 -0.07
CA VAL C 94 7.44 1.05 0.99
C VAL C 94 8.89 0.78 1.40
N ALA C 95 9.70 1.82 1.52
CA ALA C 95 11.11 1.68 1.93
C ALA C 95 11.50 2.91 2.74
N THR C 96 12.46 2.75 3.63
CA THR C 96 12.93 3.87 4.48
C THR C 96 14.40 4.08 4.13
N ILE C 97 14.77 5.27 3.68
CA ILE C 97 16.17 5.56 3.25
C ILE C 97 16.84 6.50 4.28
N ASP C 98 18.07 6.17 4.70
CA ASP C 98 18.97 7.05 5.49
C ASP C 98 19.51 8.10 4.54
N VAL C 99 19.15 9.38 4.66
CA VAL C 99 19.52 10.45 3.68
C VAL C 99 21.03 10.81 3.78
N GLY C 100 21.67 10.60 4.94
CA GLY C 100 23.09 10.94 5.13
C GLY C 100 23.99 10.40 4.02
N SER C 101 23.72 9.16 3.55
CA SER C 101 24.48 8.41 2.51
C SER C 101 24.92 9.27 1.32
N GLY C 102 24.17 10.33 0.97
CA GLY C 102 24.40 11.13 -0.24
C GLY C 102 23.24 10.96 -1.21
N VAL C 103 22.03 11.04 -0.70
CA VAL C 103 20.77 10.88 -1.47
C VAL C 103 20.41 12.28 -1.90
N THR C 104 20.28 12.53 -3.19
CA THR C 104 19.77 13.81 -3.72
C THR C 104 18.39 13.66 -4.33
N PHE C 105 17.97 12.44 -4.65
CA PHE C 105 16.65 12.24 -5.31
C PHE C 105 16.13 10.82 -5.02
N VAL C 106 14.82 10.66 -5.11
CA VAL C 106 14.18 9.31 -5.05
CA VAL C 106 14.19 9.32 -5.05
C VAL C 106 13.31 9.19 -6.29
N LYS C 107 13.29 7.99 -6.90
CA LYS C 107 12.44 7.83 -8.08
C LYS C 107 11.83 6.46 -8.09
N GLY C 108 10.78 6.33 -8.87
CA GLY C 108 10.21 5.01 -9.18
C GLY C 108 10.77 4.50 -10.49
N GLN C 109 10.90 3.19 -10.57
CA GLN C 109 11.39 2.51 -11.79
C GLN C 109 10.53 1.25 -11.98
N TRP C 110 10.63 0.69 -13.17
CA TRP C 110 9.90 -0.54 -13.51
C TRP C 110 10.69 -1.32 -14.51
N LYS C 111 10.34 -2.58 -14.64
CA LYS C 111 10.92 -3.47 -15.63
C LYS C 111 9.94 -4.61 -15.87
N SER C 112 10.10 -5.19 -17.02
CA SER C 112 9.21 -6.24 -17.59
C SER C 112 9.45 -7.55 -16.84
N VAL C 113 8.38 -8.30 -16.55
CA VAL C 113 8.42 -9.73 -16.20
C VAL C 113 8.19 -10.50 -17.51
N ARG C 114 9.19 -11.25 -17.93
CA ARG C 114 9.11 -12.16 -19.10
C ARG C 114 8.61 -11.39 -20.33
N GLY C 115 9.22 -10.25 -20.62
CA GLY C 115 8.94 -9.48 -21.85
C GLY C 115 7.61 -8.75 -21.85
N SER C 116 6.91 -8.59 -20.71
CA SER C 116 5.62 -7.86 -20.61
C SER C 116 5.76 -6.39 -21.03
N ALA C 117 4.76 -5.86 -21.73
CA ALA C 117 4.56 -4.41 -21.93
C ALA C 117 3.95 -3.83 -20.64
N MET C 118 4.46 -2.69 -20.20
CA MET C 118 4.10 -2.09 -18.90
C MET C 118 3.12 -0.94 -19.11
N HIS C 119 1.95 -1.02 -18.44
CA HIS C 119 0.85 -0.05 -18.62
C HIS C 119 0.51 0.71 -17.34
N ILE C 120 0.60 2.02 -17.40
CA ILE C 120 -0.05 2.98 -16.45
C ILE C 120 -0.91 3.94 -17.28
N ASP C 121 -2.21 3.98 -16.99
CA ASP C 121 -3.16 4.85 -17.71
C ASP C 121 -4.10 5.57 -16.72
N SER C 122 -3.72 5.64 -15.46
CA SER C 122 -4.44 6.39 -14.41
C SER C 122 -3.45 6.70 -13.27
N TYR C 123 -3.95 7.40 -12.31
CA TYR C 123 -3.17 7.95 -11.15
C TYR C 123 -2.18 6.92 -10.58
N ALA C 124 -0.93 7.36 -10.34
CA ALA C 124 0.13 6.65 -9.63
C ALA C 124 0.93 7.72 -8.88
N SER C 125 1.48 7.40 -7.74
CA SER C 125 2.20 8.45 -6.96
C SER C 125 3.50 7.92 -6.38
N LEU C 126 4.35 8.88 -6.00
CA LEU C 126 5.56 8.57 -5.24
C LEU C 126 5.59 9.63 -4.14
N SER C 127 5.66 9.20 -2.87
CA SER C 127 5.51 10.07 -1.67
C SER C 127 6.64 9.83 -0.74
N ALA C 128 6.97 10.84 0.05
CA ALA C 128 8.02 10.68 1.07
C ALA C 128 7.73 11.56 2.28
N ILE C 129 7.89 10.98 3.46
CA ILE C 129 7.76 11.71 4.71
C ILE C 129 9.12 11.74 5.35
N TRP C 130 9.54 12.94 5.77
CA TRP C 130 10.87 13.14 6.39
C TRP C 130 10.74 12.92 7.89
N GLY C 131 11.72 12.22 8.46
CA GLY C 131 11.84 12.08 9.93
C GLY C 131 13.30 11.96 10.31
N THR C 132 13.55 11.41 11.49
CA THR C 132 14.92 11.24 12.05
C THR C 132 15.03 9.80 12.55
N ALA C 133 16.22 9.38 12.97
CA ALA C 133 16.36 8.13 13.74
C ALA C 133 15.73 8.35 15.12
N ALA C 134 15.46 7.26 15.84
CA ALA C 134 14.86 7.29 17.19
C ALA C 134 15.95 7.69 18.19
C1 GLA D . 3.24 -24.37 -14.55
C2 GLA D . 4.02 -23.23 -13.80
C3 GLA D . 5.32 -23.72 -13.11
C4 GLA D . 5.10 -25.04 -12.35
C5 GLA D . 4.23 -26.06 -13.14
C6 GLA D . 3.79 -27.20 -12.22
O1 GLA D . 3.90 -24.95 -15.70
O2 GLA D . 4.48 -22.18 -14.65
O3 GLA D . 5.75 -22.65 -12.24
O4 GLA D . 4.44 -24.73 -11.11
O5 GLA D . 3.03 -25.48 -13.69
O6 GLA D . 2.74 -26.69 -11.39
C1 NGA D . 7.14 -22.40 -12.31
C2 NGA D . 7.50 -20.96 -11.85
C3 NGA D . 8.98 -20.80 -11.72
C4 NGA D . 9.54 -21.99 -10.92
C5 NGA D . 9.17 -23.28 -11.67
C6 NGA D . 9.96 -24.51 -11.17
C7 NGA D . 5.79 -19.67 -12.85
C8 NGA D . 5.21 -19.02 -14.08
N2 NGA D . 7.00 -20.08 -12.93
O3 NGA D . 9.34 -19.66 -11.02
O4 NGA D . 8.89 -22.14 -9.67
O5 NGA D . 7.76 -23.43 -11.50
O6 NGA D . 10.10 -24.42 -9.75
O7 NGA D . 5.20 -19.89 -11.79
C1 GAL D . 10.14 -18.75 -11.71
C2 GAL D . 10.01 -17.38 -11.02
C3 GAL D . 10.98 -16.45 -11.70
C4 GAL D . 12.36 -17.09 -11.73
C5 GAL D . 12.28 -18.40 -12.41
C6 GAL D . 13.65 -19.06 -12.47
O2 GAL D . 8.70 -16.84 -11.29
O3 GAL D . 11.18 -15.21 -11.02
O4 GAL D . 13.02 -17.25 -10.49
O5 GAL D . 11.45 -19.25 -11.68
O6 GAL D . 13.40 -20.48 -12.63
C1 FUC D . 8.20 -16.09 -10.24
C2 FUC D . 7.04 -15.26 -10.77
C3 FUC D . 5.93 -16.10 -11.24
C4 FUC D . 5.52 -17.02 -10.01
C5 FUC D . 6.69 -17.85 -9.61
C6 FUC D . 6.40 -18.72 -8.41
O2 FUC D . 7.44 -14.44 -11.82
O3 FUC D . 4.82 -15.26 -11.54
O4 FUC D . 5.11 -16.23 -8.88
O5 FUC D . 7.71 -16.94 -9.17
C1 GAL E . -18.19 -27.24 -0.41
C2 GAL E . -19.15 -26.37 -1.23
C3 GAL E . -18.80 -26.51 -2.71
C4 GAL E . -17.38 -26.02 -2.92
C5 GAL E . -16.43 -26.79 -1.96
C6 GAL E . -14.95 -26.38 -2.15
O1 GAL E . -18.56 -27.21 0.99
O2 GAL E . -20.50 -26.77 -0.94
O3 GAL E . -19.63 -25.80 -3.62
O4 GAL E . -17.41 -24.59 -2.73
O5 GAL E . -16.84 -26.73 -0.57
O6 GAL E . -14.57 -26.42 -3.57
C1 GLA E . -16.55 -23.91 -3.69
C2 GLA E . -16.22 -22.49 -3.15
C3 GLA E . -17.42 -21.52 -3.37
C4 GLA E . -17.63 -21.51 -4.86
C5 GLA E . -18.09 -22.96 -5.15
C6 GLA E . -18.85 -23.40 -6.38
O2 GLA E . -15.64 -22.69 -1.83
O3 GLA E . -17.24 -20.13 -3.04
O4 GLA E . -16.30 -21.05 -5.24
O5 GLA E . -17.02 -23.88 -5.05
O6 GLA E . -19.23 -24.76 -6.09
C1 NGA E . -17.59 -19.94 -1.68
C2 NGA E . -16.61 -19.06 -0.93
C3 NGA E . -17.02 -18.94 0.49
C4 NGA E . -18.47 -18.46 0.59
C5 NGA E . -19.37 -19.22 -0.41
C6 NGA E . -20.70 -18.52 -0.61
C7 NGA E . -14.48 -19.28 -1.99
C8 NGA E . -13.23 -20.09 -2.04
N2 NGA E . -15.29 -19.63 -1.01
O3 NGA E . -16.29 -17.90 1.11
O4 NGA E . -18.51 -17.06 0.27
O5 NGA E . -18.85 -19.31 -1.73
O6 NGA E . -21.68 -19.38 -0.07
O7 NGA E . -14.79 -18.42 -2.84
C1 GAL E . -15.63 -18.36 2.25
C2 GAL E . -14.55 -17.36 2.67
C3 GAL E . -13.97 -17.96 3.93
C4 GAL E . -14.97 -18.36 5.01
C5 GAL E . -15.97 -19.30 4.33
C6 GAL E . -17.01 -19.92 5.29
O2 GAL E . -13.54 -17.30 1.59
O3 GAL E . -13.07 -17.05 4.50
O4 GAL E . -15.54 -17.20 5.68
O5 GAL E . -16.61 -18.71 3.22
O6 GAL E . -17.35 -21.25 4.82
C1 FUC E . -12.98 -15.95 1.47
C2 FUC E . -11.68 -16.02 0.71
C3 FUC E . -11.90 -16.55 -0.67
C4 FUC E . -13.02 -15.65 -1.32
C5 FUC E . -14.31 -15.63 -0.51
C6 FUC E . -15.37 -14.72 -1.16
O2 FUC E . -10.77 -16.86 1.42
O3 FUC E . -10.73 -16.52 -1.45
O4 FUC E . -12.44 -14.38 -1.56
O5 FUC E . -13.96 -15.18 0.73
C1 GAL F . -17.05 -6.59 -26.68
C2 GAL F . -15.69 -7.11 -27.29
C3 GAL F . -15.47 -8.60 -26.95
C4 GAL F . -15.53 -8.65 -25.44
C5 GAL F . -16.90 -8.15 -24.93
C6 GAL F . -17.19 -8.41 -23.45
O1 GAL F . -17.22 -5.17 -26.85
O2 GAL F . -15.51 -6.95 -28.70
O3 GAL F . -14.22 -9.14 -27.48
O4 GAL F . -14.41 -7.85 -25.00
O5 GAL F . -17.14 -6.77 -25.26
O6 GAL F . -17.01 -9.85 -23.21
C1 GLA F . -13.71 -8.44 -23.87
C2 GLA F . -12.93 -7.31 -23.22
C3 GLA F . -11.74 -6.85 -24.12
C4 GLA F . -10.90 -7.99 -24.59
C5 GLA F . -11.79 -9.12 -25.11
C6 GLA F . -10.93 -10.31 -25.51
O2 GLA F . -13.89 -6.30 -22.91
O3 GLA F . -10.71 -6.10 -23.44
O4 GLA F . -10.12 -8.41 -23.45
O5 GLA F . -12.79 -9.49 -24.13
O6 GLA F . -9.54 -9.86 -25.69
C1 NGA F . -11.06 -4.74 -23.60
C2 NGA F . -10.70 -4.05 -22.28
C3 NGA F . -11.00 -2.57 -22.40
C4 NGA F . -10.41 -1.97 -23.68
C5 NGA F . -10.88 -2.84 -24.90
C6 NGA F . -10.50 -2.28 -26.28
C7 NGA F . -11.22 -5.69 -20.50
C8 NGA F . -12.21 -6.21 -19.44
N2 NGA F . -11.58 -4.69 -21.26
O3 NGA F . -10.49 -1.81 -21.30
O4 NGA F . -8.97 -1.80 -23.42
O5 NGA F . -10.40 -4.22 -24.75
O6 NGA F . -9.09 -2.37 -26.36
O7 NGA F . -10.09 -6.13 -20.58
C1 GAL F . -11.56 -1.13 -20.73
C2 GAL F . -11.07 -0.72 -19.38
C3 GAL F . -12.15 0.17 -18.76
C4 GAL F . -12.53 1.28 -19.79
C5 GAL F . -12.86 0.76 -21.14
C6 GAL F . -13.05 1.86 -22.17
O2 GAL F . -10.91 -1.93 -18.66
O3 GAL F . -11.70 0.86 -17.58
O4 GAL F . -11.56 2.28 -20.01
O5 GAL F . -11.84 -0.05 -21.60
O6 GAL F . -13.85 1.29 -23.21
C1 FUC F . -9.82 -1.93 -17.76
C2 FUC F . -10.09 -2.90 -16.62
C3 FUC F . -10.05 -4.31 -17.14
C4 FUC F . -8.72 -4.45 -17.85
C5 FUC F . -8.58 -3.44 -18.93
C6 FUC F . -7.24 -3.51 -19.66
O2 FUC F . -11.35 -2.68 -16.01
O3 FUC F . -10.20 -5.21 -16.08
O4 FUC F . -7.60 -4.27 -16.96
O5 FUC F . -8.57 -2.18 -18.42
#